data_1YEJ
#
_entry.id   1YEJ
#
_cell.length_a   78.271
_cell.length_b   78.271
_cell.length_c   158.674
_cell.angle_alpha   90.00
_cell.angle_beta   90.00
_cell.angle_gamma   120.00
#
_symmetry.space_group_name_H-M   'P 31 2 1'
#
loop_
_entity.id
_entity.type
_entity.pdbx_description
1 polymer 'PROTEIN (IG ANTIBODY D2.3 (LIGHT CHAIN))'
2 polymer 'PROTEIN (IG ANTIBODY D2.3 (HEAVY CHAIN))'
3 non-polymer 'ZINC ION'
4 non-polymer '6-{4-[HYDROXY-(4-NITRO-PHENOXY)-PHOSPHORYL]-BUTYRYLAMINO}-HEXANOIC ACID'
5 water water
#
loop_
_entity_poly.entity_id
_entity_poly.type
_entity_poly.pdbx_seq_one_letter_code
_entity_poly.pdbx_strand_id
1 'polypeptide(L)'
;DIVMTQSPLTLSVTIGQPASISCKSSQSLLYSNGKTYLNWLLQRPGQSPKRLIHLVSKLDSGVPDRITGSGSGTDFTLKI
SRVEAADLGVYYCVQGTHFPYTFGGGTKLEILRADAAPTVSIFPPSSEQLTSGGASVVCFLNNFYPKDINVKWKIDGSER
QNGVLNSWTDQDSKDSTYSMSSTLTLTKDEYERHNSYTCEATHKTSTSPIVKSFNRNEC
;
L
2 'polypeptide(L)'
;EMQLQQSGAELLRPGTSVKLSCKTSGYIFTSYWIHWVKQRSGQGLEWIARIYPGTGSTYYNEKFKGKATLTADKSSSTAY
MQLSTLKSEDSAVYFCTRWGFIPVREDYVMDYWGQGTLVTVSSAKTTAPSVYPLAPVCGDTTGSSVTLGCLVKGYFPEPV
TLTWNSGSLSSGVHTFPAVLQSDLYTLSSSVTVTSSTWPSQSITCNVAHPASSTKVDKKIEP
;
H
#
# COMPACT_ATOMS: atom_id res chain seq x y z
N ASP A 1 -20.75 -20.01 -4.92
CA ASP A 1 -20.02 -19.42 -3.76
C ASP A 1 -20.84 -18.30 -3.16
N ILE A 2 -20.65 -18.04 -1.87
CA ILE A 2 -21.41 -16.98 -1.21
C ILE A 2 -20.84 -15.62 -1.59
N VAL A 3 -21.72 -14.70 -1.96
CA VAL A 3 -21.32 -13.33 -2.29
C VAL A 3 -21.55 -12.48 -1.04
N MET A 4 -20.51 -11.75 -0.64
CA MET A 4 -20.56 -10.88 0.54
C MET A 4 -20.57 -9.43 0.08
N THR A 5 -21.59 -8.69 0.45
CA THR A 5 -21.72 -7.28 0.05
C THR A 5 -21.56 -6.33 1.21
N GLN A 6 -20.58 -5.44 1.13
CA GLN A 6 -20.32 -4.48 2.20
C GLN A 6 -20.68 -3.07 1.77
N SER A 7 -21.18 -2.29 2.70
CA SER A 7 -21.51 -0.91 2.42
C SER A 7 -21.38 -0.17 3.74
N PRO A 8 -20.92 1.09 3.70
CA PRO A 8 -20.54 1.82 2.48
C PRO A 8 -19.15 1.40 1.98
N LEU A 9 -18.76 1.91 0.82
CA LEU A 9 -17.43 1.60 0.31
C LEU A 9 -16.40 2.39 1.08
N THR A 10 -16.79 3.62 1.46
CA THR A 10 -15.92 4.51 2.20
C THR A 10 -16.76 5.26 3.23
N LEU A 11 -16.17 5.55 4.38
CA LEU A 11 -16.85 6.36 5.38
C LEU A 11 -15.82 7.27 6.00
N SER A 12 -16.18 8.54 6.12
CA SER A 12 -15.29 9.53 6.71
C SER A 12 -15.92 9.91 8.04
N VAL A 13 -15.20 9.66 9.12
CA VAL A 13 -15.71 9.90 10.47
C VAL A 13 -14.75 10.74 11.29
N THR A 14 -15.26 11.59 12.17
CA THR A 14 -14.39 12.40 13.02
C THR A 14 -14.03 11.58 14.26
N ILE A 15 -12.81 11.75 14.76
CA ILE A 15 -12.37 11.05 15.95
C ILE A 15 -13.38 11.35 17.08
N GLY A 16 -13.78 10.33 17.82
CA GLY A 16 -14.72 10.52 18.89
C GLY A 16 -16.13 10.19 18.47
N GLN A 17 -16.37 10.08 17.17
CA GLN A 17 -17.71 9.74 16.71
C GLN A 17 -17.88 8.23 16.41
N PRO A 18 -19.14 7.76 16.35
CA PRO A 18 -19.37 6.35 16.04
C PRO A 18 -19.37 6.04 14.55
N ALA A 19 -19.15 4.77 14.20
CA ALA A 19 -19.12 4.31 12.83
C ALA A 19 -19.75 2.92 12.75
N SER A 20 -20.51 2.65 11.70
CA SER A 20 -21.07 1.32 11.57
C SER A 20 -20.96 0.90 10.11
N ILE A 21 -20.58 -0.36 9.92
CA ILE A 21 -20.36 -0.94 8.61
C ILE A 21 -21.28 -2.15 8.46
N SER A 22 -21.83 -2.30 7.27
CA SER A 22 -22.74 -3.38 6.98
C SER A 22 -22.14 -4.43 6.06
N CYS A 23 -22.58 -5.65 6.26
CA CYS A 23 -22.15 -6.79 5.45
C CYS A 23 -23.36 -7.71 5.26
N LYS A 24 -23.70 -7.96 3.99
CA LYS A 24 -24.85 -8.80 3.63
C LYS A 24 -24.34 -10.01 2.83
N SER A 25 -24.94 -11.17 3.05
CA SER A 25 -24.53 -12.36 2.33
C SER A 25 -25.64 -12.90 1.43
N SER A 26 -25.25 -13.58 0.35
CA SER A 26 -26.21 -14.15 -0.58
C SER A 26 -26.95 -15.38 -0.03
N GLN A 27 -26.42 -15.98 1.02
CA GLN A 27 -27.06 -17.15 1.64
C GLN A 27 -26.93 -16.97 3.14
N SER A 28 -27.82 -17.58 3.92
CA SER A 28 -27.73 -17.45 5.37
C SER A 28 -26.43 -18.08 5.81
N LEU A 29 -25.79 -17.47 6.81
CA LEU A 29 -24.53 -17.92 7.33
C LEU A 29 -24.68 -18.79 8.57
N LEU A 30 -25.91 -19.16 8.87
CA LEU A 30 -26.15 -20.03 10.01
C LEU A 30 -25.78 -21.46 9.59
N TYR A 31 -24.80 -22.05 10.28
CA TYR A 31 -24.36 -23.41 9.99
C TYR A 31 -25.32 -24.46 10.59
N SER A 32 -25.22 -25.70 10.11
CA SER A 32 -26.09 -26.77 10.59
C SER A 32 -25.91 -27.07 12.06
N ASN A 33 -24.78 -26.66 12.62
CA ASN A 33 -24.54 -26.85 14.05
C ASN A 33 -25.05 -25.66 14.90
N GLY A 34 -25.72 -24.71 14.25
CA GLY A 34 -26.26 -23.56 14.96
C GLY A 34 -25.29 -22.38 15.14
N LYS A 35 -24.04 -22.53 14.70
CA LYS A 35 -23.10 -21.43 14.85
C LYS A 35 -23.04 -20.66 13.54
N THR A 36 -22.65 -19.40 13.62
CA THR A 36 -22.54 -18.52 12.46
C THR A 36 -21.11 -18.04 12.35
N TYR A 37 -20.41 -18.54 11.35
CA TYR A 37 -19.00 -18.21 11.15
C TYR A 37 -18.75 -16.96 10.33
N LEU A 38 -19.00 -15.81 10.94
CA LEU A 38 -18.77 -14.55 10.26
C LEU A 38 -17.70 -13.82 11.04
N ASN A 39 -16.65 -13.41 10.32
CA ASN A 39 -15.51 -12.71 10.90
C ASN A 39 -15.35 -11.32 10.29
N TRP A 40 -14.67 -10.45 11.03
CA TRP A 40 -14.38 -9.08 10.58
C TRP A 40 -12.90 -8.89 10.74
N LEU A 41 -12.26 -8.36 9.71
CA LEU A 41 -10.83 -8.11 9.69
C LEU A 41 -10.56 -6.64 9.41
N LEU A 42 -9.41 -6.18 9.86
CA LEU A 42 -8.99 -4.82 9.60
C LEU A 42 -7.63 -4.92 8.94
N GLN A 43 -7.44 -4.19 7.83
CA GLN A 43 -6.13 -4.18 7.20
C GLN A 43 -5.67 -2.74 7.23
N ARG A 44 -4.73 -2.46 8.12
CA ARG A 44 -4.19 -1.11 8.27
C ARG A 44 -3.25 -0.84 7.11
N PRO A 45 -3.10 0.44 6.73
CA PRO A 45 -2.21 0.80 5.61
C PRO A 45 -0.81 0.17 5.75
N GLY A 46 -0.41 -0.57 4.72
CA GLY A 46 0.88 -1.23 4.68
C GLY A 46 1.07 -2.41 5.62
N GLN A 47 -0.01 -2.93 6.18
CA GLN A 47 0.07 -4.04 7.11
C GLN A 47 -0.73 -5.24 6.60
N SER A 48 -0.53 -6.41 7.18
CA SER A 48 -1.28 -7.60 6.82
C SER A 48 -2.64 -7.51 7.49
N PRO A 49 -3.64 -8.26 7.01
CA PRO A 49 -4.94 -8.16 7.68
C PRO A 49 -4.85 -8.73 9.10
N LYS A 50 -5.79 -8.35 9.96
CA LYS A 50 -5.86 -8.82 11.34
C LYS A 50 -7.34 -9.03 11.72
N ARG A 51 -7.67 -10.15 12.35
CA ARG A 51 -9.04 -10.41 12.75
C ARG A 51 -9.40 -9.63 14.03
N LEU A 52 -10.58 -9.01 13.99
CA LEU A 52 -11.12 -8.24 15.11
C LEU A 52 -12.25 -9.03 15.81
N ILE A 53 -13.12 -9.63 15.02
CA ILE A 53 -14.27 -10.36 15.54
C ILE A 53 -14.46 -11.72 14.87
N HIS A 54 -14.88 -12.71 15.65
CA HIS A 54 -15.18 -14.04 15.14
C HIS A 54 -16.55 -14.43 15.72
N LEU A 55 -17.23 -15.38 15.05
CA LEU A 55 -18.54 -15.86 15.50
C LEU A 55 -19.52 -14.70 15.68
N VAL A 56 -19.49 -13.78 14.72
CA VAL A 56 -20.35 -12.60 14.64
C VAL A 56 -20.16 -11.48 15.67
N SER A 57 -20.03 -11.85 16.94
CA SER A 57 -19.95 -10.85 17.99
C SER A 57 -18.84 -11.01 18.99
N LYS A 58 -18.02 -12.05 18.83
CA LYS A 58 -16.95 -12.29 19.78
C LYS A 58 -15.63 -11.63 19.39
N LEU A 59 -15.16 -10.79 20.32
CA LEU A 59 -13.91 -10.05 20.11
C LEU A 59 -12.67 -10.91 20.26
N ASP A 60 -11.69 -10.72 19.40
CA ASP A 60 -10.44 -11.47 19.54
C ASP A 60 -9.62 -10.81 20.63
N SER A 61 -8.73 -11.61 21.23
CA SER A 61 -7.88 -11.12 22.30
C SER A 61 -7.12 -9.89 21.86
N GLY A 62 -7.03 -8.92 22.75
CA GLY A 62 -6.30 -7.71 22.45
C GLY A 62 -7.02 -6.66 21.61
N VAL A 63 -8.25 -6.93 21.21
CA VAL A 63 -9.00 -5.97 20.43
C VAL A 63 -9.83 -5.12 21.41
N PRO A 64 -9.81 -3.79 21.24
CA PRO A 64 -10.56 -2.84 22.09
C PRO A 64 -12.06 -3.11 22.01
N ASP A 65 -12.74 -3.08 23.16
CA ASP A 65 -14.17 -3.32 23.17
C ASP A 65 -15.02 -2.16 22.66
N ARG A 66 -14.37 -1.18 22.02
CA ARG A 66 -15.05 -0.04 21.39
C ARG A 66 -15.69 -0.64 20.14
N ILE A 67 -15.12 -1.75 19.69
CA ILE A 67 -15.61 -2.45 18.51
C ILE A 67 -16.61 -3.53 18.93
N THR A 68 -17.74 -3.59 18.25
CA THR A 68 -18.73 -4.61 18.56
C THR A 68 -19.27 -5.14 17.23
N GLY A 69 -19.78 -6.36 17.23
CA GLY A 69 -20.34 -6.90 16.01
C GLY A 69 -21.69 -7.50 16.32
N SER A 70 -22.60 -7.52 15.35
CA SER A 70 -23.91 -8.10 15.56
C SER A 70 -24.51 -8.55 14.23
N GLY A 71 -25.68 -9.17 14.30
CA GLY A 71 -26.35 -9.64 13.10
C GLY A 71 -26.64 -11.13 13.13
N SER A 72 -27.29 -11.60 12.08
CA SER A 72 -27.61 -13.01 11.94
C SER A 72 -28.21 -13.23 10.57
N GLY A 73 -28.29 -14.49 10.14
CA GLY A 73 -28.86 -14.82 8.85
C GLY A 73 -27.98 -14.31 7.72
N THR A 74 -28.43 -13.26 7.06
CA THR A 74 -27.70 -12.67 5.94
C THR A 74 -27.28 -11.23 6.22
N ASP A 75 -27.58 -10.75 7.42
CA ASP A 75 -27.29 -9.36 7.77
C ASP A 75 -26.42 -9.18 9.00
N PHE A 76 -25.27 -8.52 8.81
CA PHE A 76 -24.32 -8.30 9.88
C PHE A 76 -23.79 -6.86 9.92
N THR A 77 -23.39 -6.42 11.11
CA THR A 77 -22.89 -5.06 11.28
C THR A 77 -21.71 -4.99 12.23
N LEU A 78 -20.75 -4.16 11.88
CA LEU A 78 -19.60 -3.92 12.75
C LEU A 78 -19.80 -2.49 13.21
N LYS A 79 -19.68 -2.26 14.51
CA LYS A 79 -19.82 -0.92 15.05
C LYS A 79 -18.63 -0.51 15.91
N ILE A 80 -18.17 0.72 15.70
CA ILE A 80 -17.09 1.31 16.48
C ILE A 80 -17.82 2.43 17.25
N SER A 81 -17.87 2.30 18.56
CA SER A 81 -18.59 3.26 19.39
C SER A 81 -18.00 4.65 19.40
N ARG A 82 -16.68 4.74 19.31
CA ARG A 82 -15.96 6.00 19.35
C ARG A 82 -14.66 5.81 18.55
N VAL A 83 -14.57 6.48 17.41
CA VAL A 83 -13.40 6.35 16.54
C VAL A 83 -12.12 7.00 17.03
N GLU A 84 -11.01 6.29 16.90
CA GLU A 84 -9.68 6.76 17.26
C GLU A 84 -8.84 6.69 15.99
N ALA A 85 -7.79 7.50 15.92
CA ALA A 85 -6.89 7.53 14.77
C ALA A 85 -6.43 6.15 14.26
N ALA A 86 -6.16 5.23 15.19
CA ALA A 86 -5.69 3.88 14.88
C ALA A 86 -6.71 2.98 14.13
N ASP A 87 -7.94 3.46 14.00
CA ASP A 87 -8.97 2.70 13.30
C ASP A 87 -8.93 2.86 11.78
N LEU A 88 -8.08 3.78 11.30
CA LEU A 88 -7.95 4.01 9.87
C LEU A 88 -7.50 2.73 9.12
N GLY A 89 -8.19 2.42 8.03
CA GLY A 89 -7.85 1.24 7.25
C GLY A 89 -9.06 0.66 6.54
N VAL A 90 -8.92 -0.55 6.02
CA VAL A 90 -10.02 -1.20 5.33
C VAL A 90 -10.53 -2.37 6.17
N TYR A 91 -11.84 -2.40 6.37
CA TYR A 91 -12.52 -3.45 7.14
C TYR A 91 -13.17 -4.44 6.19
N TYR A 92 -13.00 -5.72 6.46
CA TYR A 92 -13.59 -6.77 5.62
C TYR A 92 -14.37 -7.75 6.47
N CYS A 93 -15.50 -8.21 5.96
CA CYS A 93 -16.24 -9.26 6.65
C CYS A 93 -15.89 -10.48 5.78
N VAL A 94 -15.73 -11.64 6.39
CA VAL A 94 -15.39 -12.86 5.65
C VAL A 94 -16.15 -14.00 6.31
N GLN A 95 -16.88 -14.77 5.49
CA GLN A 95 -17.66 -15.88 6.00
C GLN A 95 -16.93 -17.21 5.85
N GLY A 96 -17.07 -18.06 6.85
CA GLY A 96 -16.46 -19.37 6.82
C GLY A 96 -17.51 -20.48 6.98
N THR A 97 -18.80 -20.13 6.89
CA THR A 97 -19.87 -21.13 7.04
C THR A 97 -20.00 -22.04 5.82
N HIS A 98 -19.77 -21.47 4.66
CA HIS A 98 -19.88 -22.20 3.42
C HIS A 98 -18.53 -22.26 2.75
N PHE A 99 -18.24 -23.39 2.12
CA PHE A 99 -16.97 -23.56 1.44
C PHE A 99 -17.16 -23.22 -0.05
N PRO A 100 -16.23 -22.44 -0.64
CA PRO A 100 -15.03 -21.87 -0.03
C PRO A 100 -15.34 -20.56 0.68
N TYR A 101 -14.49 -20.21 1.65
CA TYR A 101 -14.62 -18.97 2.44
C TYR A 101 -14.52 -17.81 1.46
N THR A 102 -15.38 -16.81 1.66
CA THR A 102 -15.43 -15.65 0.78
C THR A 102 -15.47 -14.35 1.60
N PHE A 103 -14.80 -13.33 1.07
CA PHE A 103 -14.67 -12.02 1.67
C PHE A 103 -15.57 -10.99 1.03
N GLY A 104 -15.89 -9.94 1.78
CA GLY A 104 -16.66 -8.84 1.23
C GLY A 104 -15.62 -7.98 0.53
N GLY A 105 -16.06 -6.94 -0.18
CA GLY A 105 -15.16 -6.07 -0.92
C GLY A 105 -14.35 -5.07 -0.10
N GLY A 106 -14.77 -4.86 1.14
CA GLY A 106 -14.05 -3.96 2.03
C GLY A 106 -14.71 -2.61 2.18
N THR A 107 -14.41 -1.94 3.28
CA THR A 107 -14.93 -0.59 3.56
C THR A 107 -13.75 0.20 4.09
N LYS A 108 -13.42 1.29 3.42
CA LYS A 108 -12.31 2.09 3.88
C LYS A 108 -12.81 3.15 4.84
N LEU A 109 -12.24 3.18 6.03
CA LEU A 109 -12.59 4.15 7.04
C LEU A 109 -11.55 5.26 6.99
N GLU A 110 -12.03 6.46 6.73
CA GLU A 110 -11.18 7.64 6.65
C GLU A 110 -11.49 8.57 7.80
N ILE A 111 -10.45 9.14 8.38
CA ILE A 111 -10.60 10.07 9.48
C ILE A 111 -10.90 11.46 8.95
N LEU A 112 -12.06 11.99 9.32
CA LEU A 112 -12.49 13.31 8.90
C LEU A 112 -11.83 14.36 9.78
N ARG A 113 -11.11 15.29 9.18
CA ARG A 113 -10.45 16.37 9.92
C ARG A 113 -10.73 17.73 9.27
N ALA A 114 -10.18 18.79 9.85
CA ALA A 114 -10.39 20.15 9.34
C ALA A 114 -9.64 20.31 8.02
N ASP A 115 -10.17 21.13 7.11
CA ASP A 115 -9.53 21.36 5.82
C ASP A 115 -8.11 21.82 6.04
N ALA A 116 -7.22 21.38 5.18
CA ALA A 116 -5.82 21.77 5.25
C ALA A 116 -5.36 22.10 3.84
N ALA A 117 -4.82 23.30 3.68
CA ALA A 117 -4.34 23.79 2.40
C ALA A 117 -2.99 23.15 2.10
N PRO A 118 -2.78 22.73 0.87
CA PRO A 118 -1.53 22.09 0.40
C PRO A 118 -0.31 22.99 0.50
N THR A 119 0.84 22.38 0.80
CA THR A 119 2.10 23.08 0.79
C THR A 119 2.70 22.51 -0.49
N VAL A 120 2.89 23.37 -1.47
CA VAL A 120 3.40 22.98 -2.78
C VAL A 120 4.84 23.38 -3.00
N SER A 121 5.64 22.46 -3.51
CA SER A 121 7.05 22.69 -3.80
C SER A 121 7.31 22.28 -5.26
N ILE A 122 8.10 23.06 -5.99
CA ILE A 122 8.39 22.75 -7.40
C ILE A 122 9.90 22.61 -7.62
N PHE A 123 10.30 21.60 -8.40
CA PHE A 123 11.70 21.33 -8.67
C PHE A 123 12.00 21.17 -10.14
N PRO A 124 12.95 21.96 -10.66
CA PRO A 124 13.34 21.88 -12.07
C PRO A 124 14.19 20.61 -12.18
N PRO A 125 14.55 20.18 -13.41
CA PRO A 125 15.36 18.98 -13.62
C PRO A 125 16.75 19.08 -13.00
N SER A 126 17.27 17.97 -12.51
CA SER A 126 18.61 17.99 -11.93
C SER A 126 19.61 18.01 -13.10
N SER A 127 20.82 18.50 -12.85
CA SER A 127 21.84 18.55 -13.89
C SER A 127 22.10 17.11 -14.39
N GLU A 128 22.17 16.18 -13.46
CA GLU A 128 22.42 14.78 -13.79
C GLU A 128 21.44 14.30 -14.84
N GLN A 129 20.15 14.56 -14.62
CA GLN A 129 19.14 14.11 -15.56
C GLN A 129 19.29 14.74 -16.94
N LEU A 130 19.52 16.05 -16.99
CA LEU A 130 19.69 16.74 -18.26
C LEU A 130 20.82 16.15 -19.10
N THR A 131 21.87 15.72 -18.41
CA THR A 131 23.05 15.10 -19.04
C THR A 131 22.61 13.88 -19.85
N SER A 132 21.62 13.17 -19.34
CA SER A 132 21.10 11.96 -20.00
C SER A 132 20.07 12.28 -21.10
N GLY A 133 19.80 13.55 -21.33
CA GLY A 133 18.87 13.95 -22.36
C GLY A 133 17.41 13.97 -21.96
N GLY A 134 17.16 13.89 -20.66
CA GLY A 134 15.80 13.89 -20.15
C GLY A 134 15.58 15.07 -19.23
N ALA A 135 14.32 15.43 -19.00
CA ALA A 135 13.99 16.55 -18.13
C ALA A 135 12.66 16.34 -17.42
N SER A 136 12.68 16.17 -16.10
CA SER A 136 11.46 16.00 -15.32
C SER A 136 11.30 17.18 -14.36
N VAL A 137 10.09 17.73 -14.31
CA VAL A 137 9.78 18.85 -13.42
C VAL A 137 8.84 18.21 -12.39
N VAL A 138 9.20 18.34 -11.12
CA VAL A 138 8.43 17.72 -10.04
C VAL A 138 7.75 18.71 -9.12
N CYS A 139 6.52 18.39 -8.77
CA CYS A 139 5.74 19.22 -7.89
C CYS A 139 5.17 18.36 -6.76
N PHE A 140 5.46 18.73 -5.52
CA PHE A 140 4.95 18.02 -4.35
C PHE A 140 3.86 18.90 -3.75
N LEU A 141 2.70 18.29 -3.48
CA LEU A 141 1.58 18.99 -2.85
C LEU A 141 1.36 18.23 -1.55
N ASN A 142 1.97 18.73 -0.49
CA ASN A 142 1.93 18.06 0.81
C ASN A 142 0.93 18.52 1.85
N ASN A 143 0.41 17.53 2.57
CA ASN A 143 -0.50 17.70 3.69
C ASN A 143 -1.74 18.52 3.51
N PHE A 144 -2.64 18.04 2.67
CA PHE A 144 -3.88 18.75 2.43
C PHE A 144 -5.03 17.84 2.82
N TYR A 145 -6.20 18.45 3.02
CA TYR A 145 -7.42 17.73 3.36
C TYR A 145 -8.57 18.67 3.00
N PRO A 146 -9.62 18.17 2.30
CA PRO A 146 -9.95 16.83 1.77
C PRO A 146 -8.95 16.29 0.75
N LYS A 147 -9.07 15.00 0.44
CA LYS A 147 -8.19 14.35 -0.53
C LYS A 147 -8.40 14.80 -1.97
N ASP A 148 -9.61 15.28 -2.27
CA ASP A 148 -9.98 15.73 -3.62
C ASP A 148 -9.19 16.95 -4.07
N ILE A 149 -8.45 16.79 -5.17
CA ILE A 149 -7.61 17.86 -5.69
C ILE A 149 -7.31 17.63 -7.17
N ASN A 150 -7.14 18.71 -7.93
CA ASN A 150 -6.83 18.58 -9.34
C ASN A 150 -5.59 19.42 -9.66
N VAL A 151 -4.58 18.79 -10.26
CA VAL A 151 -3.40 19.53 -10.62
C VAL A 151 -3.19 19.50 -12.11
N LYS A 152 -2.85 20.66 -12.67
CA LYS A 152 -2.58 20.75 -14.08
C LYS A 152 -1.23 21.41 -14.28
N TRP A 153 -0.54 21.05 -15.35
CA TRP A 153 0.74 21.64 -15.62
C TRP A 153 0.53 22.63 -16.74
N LYS A 154 1.26 23.74 -16.69
CA LYS A 154 1.17 24.74 -17.74
C LYS A 154 2.56 25.19 -18.09
N ILE A 155 2.85 25.19 -19.39
CA ILE A 155 4.15 25.62 -19.91
C ILE A 155 3.91 26.84 -20.81
N ASP A 156 4.49 27.97 -20.42
CA ASP A 156 4.34 29.20 -21.18
C ASP A 156 2.86 29.52 -21.42
N GLY A 157 2.06 29.33 -20.38
CA GLY A 157 0.64 29.62 -20.48
C GLY A 157 -0.26 28.57 -21.09
N SER A 158 0.28 27.52 -21.70
CA SER A 158 -0.60 26.50 -22.29
C SER A 158 -0.54 25.23 -21.48
N GLU A 159 -1.69 24.58 -21.33
CA GLU A 159 -1.78 23.36 -20.55
C GLU A 159 -1.09 22.20 -21.23
N ARG A 160 -0.35 21.42 -20.44
CA ARG A 160 0.38 20.26 -20.93
C ARG A 160 -0.24 19.01 -20.27
N GLN A 161 -0.81 18.13 -21.08
CA GLN A 161 -1.46 16.92 -20.60
C GLN A 161 -0.68 15.63 -20.86
N ASN A 162 0.26 15.67 -21.80
CA ASN A 162 1.03 14.48 -22.11
C ASN A 162 2.36 14.45 -21.33
N GLY A 163 2.65 13.27 -20.78
CA GLY A 163 3.87 13.10 -20.02
C GLY A 163 3.77 13.39 -18.53
N VAL A 164 2.57 13.32 -17.96
CA VAL A 164 2.37 13.59 -16.53
C VAL A 164 2.16 12.32 -15.71
N LEU A 165 2.87 12.21 -14.59
CA LEU A 165 2.74 11.05 -13.74
C LEU A 165 2.43 11.49 -12.33
N ASN A 166 1.24 11.14 -11.85
CA ASN A 166 0.78 11.47 -10.51
C ASN A 166 0.74 10.28 -9.55
N SER A 167 0.99 10.56 -8.27
CA SER A 167 0.97 9.54 -7.23
C SER A 167 0.51 10.20 -5.93
N TRP A 168 -0.35 9.52 -5.18
CA TRP A 168 -0.87 10.04 -3.91
C TRP A 168 -0.54 9.08 -2.79
N THR A 169 -0.38 9.60 -1.58
CA THR A 169 -0.11 8.74 -0.43
C THR A 169 -1.49 8.44 0.15
N ASP A 170 -1.55 7.47 1.03
CA ASP A 170 -2.79 7.11 1.70
C ASP A 170 -2.90 8.14 2.83
N GLN A 171 -4.01 8.17 3.56
CA GLN A 171 -4.13 9.12 4.65
C GLN A 171 -3.10 8.88 5.76
N ASP A 172 -2.39 9.93 6.13
CA ASP A 172 -1.36 9.86 7.18
C ASP A 172 -1.95 9.68 8.57
N SER A 173 -1.43 8.69 9.28
CA SER A 173 -1.86 8.37 10.63
C SER A 173 -1.50 9.46 11.64
N LYS A 174 -0.43 10.19 11.37
CA LYS A 174 -0.01 11.24 12.30
C LYS A 174 -0.89 12.47 12.29
N ASP A 175 -1.25 12.97 11.11
CA ASP A 175 -2.08 14.17 11.03
C ASP A 175 -3.35 14.08 10.21
N SER A 176 -3.63 12.89 9.67
CA SER A 176 -4.82 12.63 8.86
C SER A 176 -4.88 13.41 7.55
N THR A 177 -3.73 13.83 7.02
CA THR A 177 -3.74 14.56 5.76
C THR A 177 -3.26 13.64 4.63
N TYR A 178 -3.37 14.14 3.40
CA TYR A 178 -2.93 13.42 2.20
C TYR A 178 -1.80 14.22 1.57
N SER A 179 -1.01 13.55 0.74
CA SER A 179 0.09 14.20 0.01
C SER A 179 0.07 13.64 -1.42
N MET A 180 0.52 14.44 -2.37
CA MET A 180 0.53 14.04 -3.76
C MET A 180 1.79 14.54 -4.45
N SER A 181 2.23 13.82 -5.47
CA SER A 181 3.42 14.14 -6.24
C SER A 181 3.01 14.12 -7.72
N SER A 182 3.45 15.12 -8.48
CA SER A 182 3.14 15.20 -9.89
C SER A 182 4.45 15.47 -10.64
N THR A 183 4.78 14.58 -11.57
CA THR A 183 6.02 14.70 -12.32
C THR A 183 5.72 14.88 -13.80
N LEU A 184 6.23 15.94 -14.41
CA LEU A 184 6.03 16.18 -15.85
C LEU A 184 7.38 15.87 -16.50
N THR A 185 7.40 14.94 -17.46
CA THR A 185 8.66 14.59 -18.11
C THR A 185 8.69 14.97 -19.59
N LEU A 186 9.79 15.58 -20.01
CA LEU A 186 10.00 16.04 -21.39
C LEU A 186 11.41 15.66 -21.77
N THR A 187 11.76 15.97 -23.00
CA THR A 187 13.10 15.73 -23.49
C THR A 187 13.88 16.96 -23.06
N LYS A 188 15.20 16.84 -22.99
CA LYS A 188 16.05 17.96 -22.62
C LYS A 188 15.90 19.10 -23.64
N ASP A 189 15.82 18.75 -24.91
CA ASP A 189 15.69 19.76 -25.95
C ASP A 189 14.44 20.61 -25.82
N GLU A 190 13.30 19.97 -25.60
CA GLU A 190 12.06 20.72 -25.46
C GLU A 190 12.02 21.54 -24.18
N TYR A 191 12.57 20.98 -23.11
CA TYR A 191 12.62 21.67 -21.82
C TYR A 191 13.36 23.00 -21.97
N GLU A 192 14.46 22.97 -22.73
CA GLU A 192 15.28 24.15 -22.93
C GLU A 192 14.72 25.15 -23.94
N ARG A 193 13.52 24.87 -24.43
CA ARG A 193 12.86 25.74 -25.38
C ARG A 193 11.79 26.64 -24.74
N HIS A 194 11.32 26.26 -23.56
CA HIS A 194 10.29 27.02 -22.88
C HIS A 194 10.86 27.83 -21.72
N ASN A 195 10.06 28.77 -21.20
CA ASN A 195 10.50 29.64 -20.10
C ASN A 195 9.88 29.33 -18.72
N SER A 196 8.54 29.39 -18.65
CA SER A 196 7.81 29.18 -17.40
C SER A 196 7.17 27.81 -17.27
N TYR A 197 7.35 27.19 -16.13
CA TYR A 197 6.79 25.89 -15.83
C TYR A 197 5.92 26.08 -14.59
N THR A 198 4.63 25.85 -14.75
CA THR A 198 3.69 26.02 -13.65
C THR A 198 2.91 24.77 -13.28
N CYS A 199 2.85 24.55 -11.97
CA CYS A 199 2.14 23.47 -11.33
C CYS A 199 0.92 24.21 -10.75
N GLU A 200 -0.28 23.84 -11.20
CA GLU A 200 -1.48 24.54 -10.74
C GLU A 200 -2.48 23.57 -10.10
N ALA A 201 -2.88 23.84 -8.86
CA ALA A 201 -3.82 22.97 -8.14
C ALA A 201 -5.18 23.60 -7.87
N THR A 202 -6.21 22.77 -7.85
CA THR A 202 -7.58 23.19 -7.57
C THR A 202 -7.92 22.40 -6.31
N HIS A 203 -8.21 23.11 -5.22
CA HIS A 203 -8.56 22.48 -3.94
C HIS A 203 -9.63 23.30 -3.22
N LYS A 204 -10.39 22.61 -2.38
CA LYS A 204 -11.46 23.17 -1.56
C LYS A 204 -11.03 24.39 -0.76
N THR A 205 -9.79 24.41 -0.31
CA THR A 205 -9.26 25.49 0.48
C THR A 205 -9.00 26.83 -0.24
N SER A 206 -9.40 26.94 -1.50
CA SER A 206 -9.18 28.20 -2.21
C SER A 206 -10.16 28.40 -3.36
N THR A 207 -10.62 29.64 -3.54
CA THR A 207 -11.55 29.99 -4.60
C THR A 207 -10.82 30.12 -5.94
N SER A 208 -9.50 30.27 -5.86
CA SER A 208 -8.68 30.39 -7.06
C SER A 208 -7.62 29.28 -7.07
N PRO A 209 -7.10 28.93 -8.26
CA PRO A 209 -6.08 27.88 -8.27
C PRO A 209 -4.84 28.25 -7.48
N ILE A 210 -4.27 27.24 -6.85
CA ILE A 210 -3.06 27.34 -6.06
C ILE A 210 -1.94 27.15 -7.09
N VAL A 211 -1.04 28.13 -7.16
CA VAL A 211 0.05 28.13 -8.15
C VAL A 211 1.48 28.09 -7.62
N LYS A 212 2.34 27.38 -8.35
CA LYS A 212 3.75 27.31 -8.03
C LYS A 212 4.52 27.20 -9.33
N SER A 213 5.46 28.12 -9.55
CA SER A 213 6.23 28.09 -10.79
C SER A 213 7.65 28.61 -10.71
N PHE A 214 8.36 28.41 -11.83
CA PHE A 214 9.72 28.89 -11.98
C PHE A 214 9.92 29.17 -13.46
N ASN A 215 10.89 30.04 -13.73
CA ASN A 215 11.26 30.44 -15.06
C ASN A 215 12.69 30.02 -15.17
N ARG A 216 13.02 29.33 -16.26
CA ARG A 216 14.40 28.91 -16.46
C ARG A 216 14.99 29.92 -17.44
N ASN A 217 16.27 30.21 -17.31
CA ASN A 217 16.99 31.13 -18.20
C ASN A 217 18.49 30.89 -18.04
N GLU A 218 19.30 31.94 -17.96
CA GLU A 218 20.74 31.79 -17.81
C GLU A 218 21.33 32.78 -16.81
N CYS A 219 22.28 32.31 -15.99
CA CYS A 219 23.02 33.06 -14.94
C CYS A 219 22.80 32.57 -13.52
N GLU B 1 6.94 -15.52 21.08
CA GLU B 1 6.58 -14.66 19.94
C GLU B 1 6.31 -15.57 18.75
N MET B 2 5.07 -15.56 18.27
CA MET B 2 4.66 -16.34 17.11
C MET B 2 5.08 -15.49 15.95
N GLN B 3 5.83 -16.07 15.03
CA GLN B 3 6.28 -15.33 13.86
C GLN B 3 6.26 -16.13 12.56
N LEU B 4 5.67 -15.50 11.53
CA LEU B 4 5.58 -16.09 10.20
C LEU B 4 6.34 -15.15 9.29
N GLN B 5 7.40 -15.63 8.67
CA GLN B 5 8.19 -14.82 7.78
C GLN B 5 8.21 -15.38 6.36
N GLN B 6 7.70 -14.60 5.42
CA GLN B 6 7.60 -15.04 4.04
C GLN B 6 8.75 -14.62 3.17
N SER B 7 8.90 -15.33 2.07
CA SER B 7 9.97 -15.07 1.11
C SER B 7 9.79 -13.76 0.34
N GLY B 8 10.88 -13.33 -0.30
CA GLY B 8 10.89 -12.07 -1.04
C GLY B 8 10.08 -11.97 -2.31
N ALA B 9 9.91 -10.75 -2.80
CA ALA B 9 9.16 -10.48 -4.02
C ALA B 9 9.68 -11.33 -5.19
N GLU B 10 8.79 -11.77 -6.05
CA GLU B 10 9.18 -12.62 -7.16
C GLU B 10 8.78 -12.02 -8.49
N LEU B 11 9.69 -12.03 -9.45
CA LEU B 11 9.38 -11.58 -10.81
C LEU B 11 9.37 -12.91 -11.56
N LEU B 12 8.23 -13.27 -12.15
CA LEU B 12 8.04 -14.54 -12.85
C LEU B 12 7.63 -14.44 -14.29
N ARG B 13 8.21 -15.31 -15.12
CA ARG B 13 7.89 -15.32 -16.53
C ARG B 13 6.57 -16.06 -16.72
N PRO B 14 5.73 -15.56 -17.65
CA PRO B 14 4.43 -16.17 -17.93
C PRO B 14 4.60 -17.64 -18.28
N GLY B 15 3.69 -18.45 -17.78
CA GLY B 15 3.76 -19.87 -18.08
C GLY B 15 4.67 -20.70 -17.20
N THR B 16 5.47 -20.06 -16.35
CA THR B 16 6.35 -20.81 -15.46
C THR B 16 5.75 -20.94 -14.04
N SER B 17 6.53 -21.41 -13.08
CA SER B 17 6.02 -21.55 -11.72
C SER B 17 7.00 -21.08 -10.65
N VAL B 18 6.45 -20.82 -9.46
CA VAL B 18 7.23 -20.35 -8.31
C VAL B 18 6.80 -21.10 -7.08
N LYS B 19 7.70 -21.18 -6.10
CA LYS B 19 7.42 -21.83 -4.84
C LYS B 19 7.64 -20.73 -3.80
N LEU B 20 6.58 -20.40 -3.06
CA LEU B 20 6.66 -19.39 -2.03
C LEU B 20 6.81 -20.09 -0.70
N SER B 21 7.57 -19.48 0.22
CA SER B 21 7.74 -20.09 1.52
C SER B 21 7.22 -19.21 2.67
N CYS B 22 6.85 -19.86 3.76
CA CYS B 22 6.31 -19.18 4.92
C CYS B 22 6.94 -19.87 6.13
N LYS B 23 8.03 -19.29 6.62
CA LYS B 23 8.76 -19.85 7.75
C LYS B 23 8.13 -19.42 9.08
N THR B 24 7.79 -20.39 9.92
CA THR B 24 7.16 -20.10 11.21
C THR B 24 8.08 -20.38 12.40
N SER B 25 7.78 -19.73 13.51
CA SER B 25 8.50 -19.97 14.75
C SER B 25 7.62 -19.56 15.95
N GLY B 26 8.00 -19.99 17.14
CA GLY B 26 7.25 -19.60 18.31
C GLY B 26 6.05 -20.40 18.71
N TYR B 27 5.74 -21.46 17.98
CA TYR B 27 4.62 -22.29 18.36
C TYR B 27 4.81 -23.67 17.75
N ILE B 28 4.00 -24.64 18.14
CA ILE B 28 4.11 -26.01 17.62
C ILE B 28 3.48 -26.04 16.23
N PHE B 29 4.33 -25.98 15.23
CA PHE B 29 3.97 -25.97 13.81
C PHE B 29 2.95 -27.04 13.39
N THR B 30 3.11 -28.26 13.89
CA THR B 30 2.22 -29.36 13.51
C THR B 30 0.83 -29.36 14.09
N SER B 31 0.56 -28.46 15.03
CA SER B 31 -0.75 -28.41 15.68
C SER B 31 -1.75 -27.40 15.18
N TYR B 32 -1.40 -26.60 14.18
CA TYR B 32 -2.34 -25.60 13.69
C TYR B 32 -2.42 -25.55 12.17
N TRP B 33 -3.61 -25.27 11.67
CA TRP B 33 -3.84 -25.15 10.25
C TRP B 33 -3.20 -23.86 9.76
N ILE B 34 -2.57 -23.93 8.58
CA ILE B 34 -1.97 -22.76 7.97
C ILE B 34 -2.79 -22.50 6.70
N HIS B 35 -3.27 -21.26 6.55
CA HIS B 35 -4.09 -20.89 5.39
C HIS B 35 -3.30 -19.93 4.49
N TRP B 36 -3.66 -19.91 3.22
CA TRP B 36 -3.03 -19.00 2.27
C TRP B 36 -4.16 -18.14 1.68
N VAL B 37 -3.89 -16.84 1.62
CA VAL B 37 -4.85 -15.84 1.13
C VAL B 37 -4.21 -14.98 0.03
N LYS B 38 -5.00 -14.61 -0.95
CA LYS B 38 -4.51 -13.82 -2.07
C LYS B 38 -5.16 -12.43 -2.09
N GLN B 39 -4.38 -11.41 -2.44
CA GLN B 39 -4.89 -10.06 -2.53
C GLN B 39 -4.46 -9.37 -3.82
N ARG B 40 -5.43 -8.99 -4.64
CA ARG B 40 -5.15 -8.30 -5.90
C ARG B 40 -5.63 -6.86 -5.76
N SER B 41 -4.95 -5.94 -6.43
CA SER B 41 -5.27 -4.50 -6.39
C SER B 41 -5.90 -4.03 -5.07
N GLY B 42 -5.17 -4.26 -3.97
CA GLY B 42 -5.62 -3.87 -2.65
C GLY B 42 -6.89 -4.60 -2.28
N GLN B 43 -7.97 -3.85 -2.09
CA GLN B 43 -9.25 -4.43 -1.75
C GLN B 43 -9.61 -5.48 -2.82
N GLY B 44 -9.40 -6.75 -2.48
CA GLY B 44 -9.70 -7.86 -3.38
C GLY B 44 -9.07 -9.14 -2.84
N LEU B 45 -9.55 -9.58 -1.68
CA LEU B 45 -9.06 -10.79 -1.00
C LEU B 45 -9.76 -12.08 -1.39
N GLU B 46 -8.99 -13.16 -1.45
CA GLU B 46 -9.53 -14.47 -1.80
C GLU B 46 -8.84 -15.55 -0.98
N TRP B 47 -9.62 -16.52 -0.54
CA TRP B 47 -9.10 -17.63 0.25
C TRP B 47 -8.64 -18.74 -0.72
N ILE B 48 -7.39 -19.16 -0.61
CA ILE B 48 -6.87 -20.18 -1.52
C ILE B 48 -7.01 -21.62 -1.01
N ALA B 49 -6.37 -21.91 0.13
CA ALA B 49 -6.36 -23.26 0.71
C ALA B 49 -5.76 -23.29 2.11
N ARG B 50 -5.87 -24.45 2.78
CA ARG B 50 -5.32 -24.63 4.11
C ARG B 50 -4.67 -25.99 4.21
N ILE B 51 -3.65 -26.08 5.04
CA ILE B 51 -2.95 -27.33 5.27
C ILE B 51 -2.71 -27.53 6.77
N TYR B 52 -2.78 -28.79 7.20
CA TYR B 52 -2.53 -29.16 8.58
C TYR B 52 -1.17 -29.86 8.52
N PRO B 53 -0.10 -29.14 8.90
CA PRO B 53 1.25 -29.71 8.85
C PRO B 53 1.45 -31.05 9.57
N GLY B 54 0.71 -31.27 10.64
CA GLY B 54 0.84 -32.51 11.39
C GLY B 54 0.59 -33.74 10.53
N THR B 55 -0.39 -33.64 9.63
CA THR B 55 -0.76 -34.76 8.79
C THR B 55 -0.54 -34.57 7.29
N GLY B 56 -0.41 -33.33 6.84
CA GLY B 56 -0.24 -33.05 5.42
C GLY B 56 -1.60 -32.91 4.75
N SER B 57 -2.65 -32.94 5.54
CA SER B 57 -4.01 -32.83 5.06
C SER B 57 -4.29 -31.40 4.53
N THR B 58 -4.81 -31.30 3.31
CA THR B 58 -5.10 -30.03 2.67
C THR B 58 -6.52 -29.94 2.12
N TYR B 59 -7.00 -28.71 1.92
CA TYR B 59 -8.32 -28.43 1.37
C TYR B 59 -8.13 -27.23 0.47
N TYR B 60 -8.64 -27.31 -0.76
CA TYR B 60 -8.48 -26.23 -1.71
C TYR B 60 -9.78 -25.61 -2.17
N ASN B 61 -9.69 -24.31 -2.45
CA ASN B 61 -10.80 -23.56 -3.02
C ASN B 61 -10.79 -24.12 -4.47
N GLU B 62 -11.94 -24.54 -4.98
CA GLU B 62 -12.04 -25.13 -6.33
C GLU B 62 -11.28 -24.35 -7.38
N LYS B 63 -11.45 -23.03 -7.37
CA LYS B 63 -10.77 -22.14 -8.31
C LYS B 63 -9.28 -22.39 -8.40
N PHE B 64 -8.64 -22.75 -7.28
CA PHE B 64 -7.20 -22.93 -7.27
C PHE B 64 -6.65 -24.33 -7.41
N LYS B 65 -7.54 -25.31 -7.60
CA LYS B 65 -7.08 -26.68 -7.78
C LYS B 65 -6.33 -26.70 -9.09
N GLY B 66 -5.07 -27.16 -9.04
CA GLY B 66 -4.26 -27.18 -10.23
C GLY B 66 -3.40 -25.94 -10.33
N LYS B 67 -3.78 -24.89 -9.62
CA LYS B 67 -2.98 -23.67 -9.64
C LYS B 67 -2.03 -23.67 -8.43
N ALA B 68 -2.57 -24.00 -7.27
CA ALA B 68 -1.81 -24.02 -6.03
C ALA B 68 -1.61 -25.41 -5.45
N THR B 69 -0.43 -25.66 -4.92
CA THR B 69 -0.11 -26.93 -4.26
C THR B 69 0.55 -26.54 -2.96
N LEU B 70 -0.04 -26.96 -1.84
CA LEU B 70 0.52 -26.64 -0.53
C LEU B 70 1.27 -27.83 0.03
N THR B 71 2.40 -27.56 0.67
CA THR B 71 3.22 -28.59 1.33
C THR B 71 3.75 -27.94 2.61
N ALA B 72 4.35 -28.73 3.49
CA ALA B 72 4.87 -28.19 4.75
C ALA B 72 6.00 -29.07 5.24
N ASP B 73 7.11 -28.44 5.58
CA ASP B 73 8.28 -29.16 6.07
C ASP B 73 8.32 -29.09 7.59
N LYS B 74 7.97 -30.21 8.22
CA LYS B 74 7.97 -30.28 9.67
C LYS B 74 9.36 -30.08 10.27
N SER B 75 10.37 -30.61 9.59
CA SER B 75 11.71 -30.46 10.11
C SER B 75 12.17 -29.02 10.18
N SER B 76 11.58 -28.15 9.35
CA SER B 76 11.98 -26.74 9.35
C SER B 76 10.87 -25.76 9.72
N SER B 77 9.69 -26.28 10.04
CA SER B 77 8.55 -25.44 10.40
C SER B 77 8.23 -24.43 9.31
N THR B 78 8.38 -24.88 8.08
CA THR B 78 8.14 -24.04 6.93
C THR B 78 7.01 -24.61 6.06
N ALA B 79 6.06 -23.74 5.68
CA ALA B 79 4.96 -24.11 4.81
C ALA B 79 5.30 -23.53 3.46
N TYR B 80 4.89 -24.20 2.40
CA TYR B 80 5.17 -23.73 1.06
C TYR B 80 3.90 -23.74 0.22
N MET B 81 3.89 -22.93 -0.83
CA MET B 81 2.79 -22.90 -1.78
C MET B 81 3.39 -22.74 -3.16
N GLN B 82 3.22 -23.75 -4.00
CA GLN B 82 3.73 -23.66 -5.36
C GLN B 82 2.58 -23.21 -6.24
N LEU B 83 2.84 -22.25 -7.11
CA LEU B 83 1.85 -21.76 -8.06
C LEU B 83 2.40 -22.21 -9.42
N SER B 84 1.55 -22.86 -10.20
CA SER B 84 1.91 -23.40 -11.52
C SER B 84 1.39 -22.58 -12.68
N THR B 85 2.10 -22.65 -13.81
CA THR B 85 1.71 -21.98 -15.05
C THR B 85 1.12 -20.59 -14.83
N LEU B 86 1.98 -19.70 -14.40
CA LEU B 86 1.55 -18.35 -14.09
C LEU B 86 1.02 -17.54 -15.23
N LYS B 87 -0.06 -16.82 -14.94
CA LYS B 87 -0.74 -15.93 -15.87
C LYS B 87 -1.01 -14.56 -15.21
N SER B 88 -1.59 -13.64 -15.97
CA SER B 88 -1.87 -12.29 -15.50
C SER B 88 -2.56 -12.23 -14.14
N GLU B 89 -3.63 -13.01 -13.97
CA GLU B 89 -4.39 -13.02 -12.72
C GLU B 89 -3.61 -13.48 -11.50
N ASP B 90 -2.42 -14.06 -11.72
CA ASP B 90 -1.58 -14.55 -10.62
C ASP B 90 -0.70 -13.48 -10.00
N SER B 91 -0.61 -12.32 -10.64
CA SER B 91 0.16 -11.22 -10.09
C SER B 91 -0.66 -10.73 -8.90
N ALA B 92 -0.11 -10.87 -7.70
CA ALA B 92 -0.82 -10.47 -6.49
C ALA B 92 0.12 -10.59 -5.29
N VAL B 93 -0.39 -10.24 -4.12
CA VAL B 93 0.37 -10.39 -2.89
C VAL B 93 -0.26 -11.64 -2.27
N TYR B 94 0.56 -12.55 -1.77
CA TYR B 94 0.05 -13.78 -1.14
C TYR B 94 0.44 -13.80 0.32
N PHE B 95 -0.52 -14.08 1.20
CA PHE B 95 -0.27 -14.15 2.64
C PHE B 95 -0.48 -15.55 3.18
N CYS B 96 0.32 -15.93 4.15
CA CYS B 96 0.14 -17.18 4.85
C CYS B 96 -0.31 -16.71 6.24
N THR B 97 -1.10 -17.52 6.91
CA THR B 97 -1.58 -17.13 8.23
C THR B 97 -1.89 -18.31 9.11
N ARG B 98 -1.50 -18.20 10.38
CA ARG B 98 -1.88 -19.25 11.33
C ARG B 98 -3.19 -18.67 11.83
N TRP B 99 -4.24 -18.91 11.06
CA TRP B 99 -5.58 -18.38 11.29
C TRP B 99 -6.14 -18.50 12.71
N GLY B 100 -5.94 -19.67 13.34
CA GLY B 100 -6.38 -19.83 14.71
C GLY B 100 -7.67 -20.56 15.01
N PHE B 101 -8.47 -20.91 14.01
CA PHE B 101 -9.69 -21.63 14.31
C PHE B 101 -9.32 -23.03 14.77
N ILE B 102 -9.86 -23.42 15.92
CA ILE B 102 -9.61 -24.73 16.52
C ILE B 102 -10.92 -25.49 16.43
N PRO B 103 -11.08 -26.33 15.40
CA PRO B 103 -12.29 -27.12 15.18
C PRO B 103 -12.85 -27.87 16.39
N VAL B 104 -12.01 -28.56 17.15
CA VAL B 104 -12.46 -29.29 18.33
C VAL B 104 -13.06 -28.37 19.41
N ARG B 105 -12.54 -27.15 19.51
CA ARG B 105 -13.03 -26.21 20.51
C ARG B 105 -14.16 -25.35 19.95
N GLU B 106 -14.35 -25.36 18.64
CA GLU B 106 -15.39 -24.52 18.04
C GLU B 106 -15.09 -23.06 18.41
N ASP B 107 -13.80 -22.76 18.57
CA ASP B 107 -13.39 -21.42 18.95
C ASP B 107 -12.04 -21.09 18.32
N TYR B 108 -11.60 -19.85 18.49
CA TYR B 108 -10.39 -19.38 17.86
C TYR B 108 -9.31 -18.88 18.79
N VAL B 109 -8.06 -19.08 18.42
CA VAL B 109 -6.95 -18.50 19.16
C VAL B 109 -6.50 -17.35 18.23
N MET B 110 -5.54 -16.55 18.66
CA MET B 110 -5.08 -15.43 17.87
C MET B 110 -4.51 -15.78 16.51
N ASP B 111 -4.90 -15.00 15.51
CA ASP B 111 -4.41 -15.19 14.15
C ASP B 111 -3.10 -14.40 14.01
N TYR B 112 -2.12 -15.01 13.36
CA TYR B 112 -0.82 -14.37 13.12
C TYR B 112 -0.63 -14.45 11.63
N TRP B 113 -0.12 -13.38 11.02
CA TRP B 113 0.04 -13.35 9.59
C TRP B 113 1.47 -13.07 9.15
N GLY B 114 1.84 -13.61 7.99
CA GLY B 114 3.15 -13.33 7.42
C GLY B 114 3.03 -11.93 6.81
N GLN B 115 4.14 -11.35 6.38
CA GLN B 115 4.11 -10.02 5.80
C GLN B 115 3.61 -9.92 4.35
N GLY B 116 3.49 -11.07 3.69
CA GLY B 116 3.03 -11.07 2.30
C GLY B 116 4.20 -11.15 1.34
N THR B 117 3.95 -11.81 0.21
CA THR B 117 4.95 -11.97 -0.86
C THR B 117 4.29 -11.49 -2.14
N LEU B 118 4.90 -10.51 -2.79
CA LEU B 118 4.37 -9.93 -4.01
C LEU B 118 4.94 -10.72 -5.19
N VAL B 119 4.06 -11.13 -6.10
CA VAL B 119 4.46 -11.88 -7.29
C VAL B 119 4.07 -11.06 -8.51
N THR B 120 5.02 -10.84 -9.40
CA THR B 120 4.80 -10.10 -10.63
C THR B 120 5.03 -11.04 -11.82
N VAL B 121 4.00 -11.28 -12.62
CA VAL B 121 4.11 -12.15 -13.78
C VAL B 121 4.39 -11.26 -14.98
N SER B 122 5.61 -11.35 -15.53
CA SER B 122 5.97 -10.50 -16.66
C SER B 122 7.18 -11.07 -17.40
N SER B 123 7.28 -10.74 -18.67
CA SER B 123 8.41 -11.18 -19.46
C SER B 123 9.43 -10.02 -19.58
N ALA B 124 9.12 -8.88 -18.95
CA ALA B 124 9.96 -7.68 -19.00
C ALA B 124 11.32 -7.85 -18.34
N LYS B 125 12.30 -7.11 -18.86
CA LYS B 125 13.68 -7.16 -18.37
C LYS B 125 13.86 -6.39 -17.05
N THR B 126 14.79 -6.85 -16.21
CA THR B 126 15.08 -6.16 -14.97
C THR B 126 15.92 -4.92 -15.34
N THR B 127 15.44 -3.74 -14.93
CA THR B 127 16.11 -2.48 -15.24
C THR B 127 16.45 -1.69 -13.97
N ALA B 128 17.70 -1.21 -13.89
CA ALA B 128 18.19 -0.44 -12.76
C ALA B 128 17.61 0.98 -12.80
N PRO B 129 17.29 1.56 -11.63
CA PRO B 129 16.73 2.90 -11.62
C PRO B 129 17.77 4.00 -11.73
N SER B 130 17.32 5.18 -12.14
CA SER B 130 18.17 6.36 -12.21
C SER B 130 17.67 7.20 -11.05
N VAL B 131 18.57 7.62 -10.17
CA VAL B 131 18.22 8.43 -8.99
C VAL B 131 18.64 9.90 -9.17
N TYR B 132 17.69 10.81 -9.06
CA TYR B 132 17.96 12.24 -9.22
C TYR B 132 17.60 13.05 -8.00
N PRO B 133 18.54 13.90 -7.53
CA PRO B 133 18.31 14.73 -6.34
C PRO B 133 17.48 15.96 -6.72
N LEU B 134 16.58 16.37 -5.84
CA LEU B 134 15.74 17.52 -6.12
C LEU B 134 16.02 18.59 -5.08
N ALA B 135 16.89 19.51 -5.44
CA ALA B 135 17.23 20.63 -4.58
C ALA B 135 16.24 21.68 -5.05
N PRO B 136 15.67 22.45 -4.11
CA PRO B 136 14.70 23.47 -4.52
C PRO B 136 15.28 24.72 -5.13
N VAL B 137 14.39 25.65 -5.37
CA VAL B 137 14.71 26.97 -5.88
C VAL B 137 13.40 27.72 -5.70
N CYS B 138 12.31 27.02 -6.00
CA CYS B 138 10.95 27.56 -5.84
C CYS B 138 10.24 26.65 -4.85
N GLY B 139 10.63 25.37 -4.86
CA GLY B 139 10.06 24.40 -3.94
C GLY B 139 10.82 24.40 -2.63
N ASP B 140 11.23 25.59 -2.22
CA ASP B 140 11.98 25.80 -0.98
C ASP B 140 11.07 26.22 0.17
N THR B 141 9.81 26.54 -0.15
CA THR B 141 8.83 26.97 0.85
C THR B 141 9.34 28.24 1.56
N THR B 142 10.35 28.86 0.93
CA THR B 142 10.98 30.08 1.42
C THR B 142 11.74 29.83 2.74
N GLY B 143 11.49 30.63 3.77
CA GLY B 143 12.17 30.44 5.04
C GLY B 143 11.40 29.51 5.95
N SER B 144 11.88 29.37 7.18
CA SER B 144 11.27 28.52 8.20
C SER B 144 11.63 27.07 7.89
N SER B 145 11.02 26.51 6.85
CA SER B 145 11.29 25.14 6.48
C SER B 145 11.51 25.06 4.99
N VAL B 146 12.15 23.98 4.54
CA VAL B 146 12.40 23.76 3.12
C VAL B 146 12.22 22.28 2.84
N THR B 147 11.69 21.96 1.67
CA THR B 147 11.51 20.57 1.34
C THR B 147 12.42 20.18 0.16
N LEU B 148 13.03 19.02 0.30
CA LEU B 148 13.93 18.47 -0.69
C LEU B 148 13.27 17.23 -1.28
N GLY B 149 13.85 16.66 -2.33
CA GLY B 149 13.24 15.50 -2.91
C GLY B 149 14.21 14.56 -3.56
N CYS B 150 13.69 13.40 -3.93
CA CYS B 150 14.49 12.39 -4.59
C CYS B 150 13.60 11.69 -5.61
N LEU B 151 14.04 11.72 -6.88
CA LEU B 151 13.30 11.10 -7.97
C LEU B 151 14.00 9.82 -8.43
N VAL B 152 13.28 8.70 -8.29
CA VAL B 152 13.79 7.38 -8.69
C VAL B 152 12.95 6.95 -9.91
N LYS B 153 13.58 6.91 -11.09
CA LYS B 153 12.81 6.50 -12.24
C LYS B 153 13.45 5.52 -13.21
N GLY B 154 12.59 4.88 -13.99
CA GLY B 154 13.05 3.95 -15.00
C GLY B 154 13.48 2.59 -14.52
N TYR B 155 12.86 2.06 -13.47
CA TYR B 155 13.24 0.75 -13.00
C TYR B 155 12.14 -0.29 -13.18
N PHE B 156 12.55 -1.55 -13.13
CA PHE B 156 11.66 -2.69 -13.20
C PHE B 156 12.44 -3.89 -12.65
N PRO B 157 11.80 -4.67 -11.76
CA PRO B 157 10.44 -4.49 -11.24
C PRO B 157 10.45 -3.90 -9.85
N GLU B 158 9.30 -3.87 -9.20
CA GLU B 158 9.22 -3.41 -7.82
C GLU B 158 9.81 -4.57 -7.01
N PRO B 159 10.32 -4.30 -5.80
CA PRO B 159 10.39 -2.99 -5.14
C PRO B 159 11.73 -2.26 -5.16
N VAL B 160 11.72 -1.03 -4.66
CA VAL B 160 12.89 -0.18 -4.52
C VAL B 160 12.81 0.24 -3.05
N THR B 161 13.97 0.47 -2.43
CA THR B 161 14.03 0.88 -1.03
C THR B 161 14.58 2.30 -0.97
N LEU B 162 13.85 3.21 -0.34
CA LEU B 162 14.26 4.61 -0.22
C LEU B 162 14.29 5.08 1.25
N THR B 163 15.43 5.61 1.67
CA THR B 163 15.58 6.15 3.03
C THR B 163 16.35 7.46 2.92
N TRP B 164 16.31 8.24 4.00
CA TRP B 164 17.01 9.52 4.04
C TRP B 164 18.01 9.45 5.18
N ASN B 165 19.26 9.81 4.89
CA ASN B 165 20.32 9.79 5.88
C ASN B 165 20.40 8.45 6.60
N SER B 166 20.28 7.38 5.81
CA SER B 166 20.33 6.02 6.31
C SER B 166 19.22 5.67 7.29
N GLY B 167 18.06 6.29 7.14
CA GLY B 167 16.97 6.00 8.06
C GLY B 167 17.01 6.89 9.28
N SER B 168 18.07 7.67 9.43
CA SER B 168 18.21 8.59 10.55
C SER B 168 17.24 9.75 10.44
N LEU B 169 16.59 9.89 9.29
CA LEU B 169 15.65 10.97 9.07
C LEU B 169 14.34 10.41 8.55
N SER B 170 13.32 10.37 9.41
CA SER B 170 12.03 9.81 9.01
C SER B 170 10.83 10.74 9.25
N SER B 171 11.00 11.69 10.15
CA SER B 171 9.95 12.64 10.43
C SER B 171 9.89 13.61 9.28
N GLY B 172 8.71 13.83 8.72
CA GLY B 172 8.59 14.77 7.62
C GLY B 172 8.98 14.22 6.25
N VAL B 173 8.97 12.90 6.13
CA VAL B 173 9.30 12.20 4.90
C VAL B 173 8.03 11.62 4.27
N HIS B 174 7.83 11.87 2.98
CA HIS B 174 6.67 11.33 2.28
C HIS B 174 7.20 10.55 1.11
N THR B 175 6.97 9.24 1.10
CA THR B 175 7.40 8.42 -0.01
C THR B 175 6.15 7.99 -0.78
N PHE B 176 6.11 8.37 -2.04
CA PHE B 176 4.98 8.09 -2.89
C PHE B 176 5.04 6.70 -3.54
N PRO B 177 3.87 6.04 -3.66
CA PRO B 177 3.77 4.70 -4.26
C PRO B 177 4.29 4.75 -5.70
N ALA B 178 5.00 3.71 -6.13
CA ALA B 178 5.52 3.69 -7.48
C ALA B 178 4.39 3.62 -8.48
N VAL B 179 4.62 4.20 -9.66
CA VAL B 179 3.64 4.21 -10.73
C VAL B 179 4.30 3.67 -11.98
N LEU B 180 3.64 2.71 -12.62
CA LEU B 180 4.17 2.09 -13.82
C LEU B 180 3.68 2.86 -15.03
N GLN B 181 4.60 3.15 -15.93
CA GLN B 181 4.26 3.84 -17.15
C GLN B 181 5.32 3.46 -18.18
N SER B 182 4.89 2.80 -19.26
CA SER B 182 5.78 2.36 -20.33
C SER B 182 6.74 1.28 -19.88
N ASP B 183 6.20 0.30 -19.16
CA ASP B 183 6.98 -0.84 -18.66
C ASP B 183 8.02 -0.52 -17.61
N LEU B 184 8.04 0.71 -17.10
CA LEU B 184 8.99 1.12 -16.07
C LEU B 184 8.32 1.91 -14.94
N TYR B 185 8.81 1.76 -13.72
CA TYR B 185 8.24 2.47 -12.59
C TYR B 185 8.99 3.76 -12.29
N THR B 186 8.29 4.65 -11.60
CA THR B 186 8.82 5.92 -11.15
C THR B 186 8.29 6.07 -9.73
N LEU B 187 9.17 6.51 -8.84
CA LEU B 187 8.87 6.70 -7.44
C LEU B 187 9.54 8.01 -7.03
N SER B 188 8.98 8.70 -6.06
CA SER B 188 9.57 9.94 -5.55
C SER B 188 9.32 10.05 -4.05
N SER B 189 10.17 10.80 -3.37
CA SER B 189 10.04 11.01 -1.94
C SER B 189 10.46 12.45 -1.65
N SER B 190 9.79 13.10 -0.70
CA SER B 190 10.13 14.45 -0.30
C SER B 190 10.44 14.42 1.19
N VAL B 191 11.23 15.38 1.65
CA VAL B 191 11.57 15.46 3.05
C VAL B 191 11.63 16.94 3.39
N THR B 192 10.92 17.33 4.44
CA THR B 192 10.89 18.73 4.83
C THR B 192 11.67 18.92 6.12
N VAL B 193 12.57 19.90 6.11
CA VAL B 193 13.41 20.20 7.27
C VAL B 193 13.38 21.71 7.55
N THR B 194 14.11 22.17 8.56
CA THR B 194 14.15 23.60 8.87
C THR B 194 15.23 24.28 8.05
N SER B 195 15.01 25.54 7.70
CA SER B 195 15.98 26.31 6.91
C SER B 195 17.37 26.25 7.54
N SER B 196 17.41 26.00 8.85
CA SER B 196 18.65 25.93 9.59
C SER B 196 19.48 24.67 9.30
N THR B 197 18.81 23.53 9.20
CA THR B 197 19.51 22.27 8.92
C THR B 197 20.13 22.27 7.54
N TRP B 198 19.31 22.41 6.49
CA TRP B 198 19.84 22.40 5.14
C TRP B 198 20.06 23.82 4.67
N PRO B 199 21.17 24.08 3.92
CA PRO B 199 22.24 23.18 3.49
C PRO B 199 23.36 22.95 4.50
N SER B 200 23.20 23.51 5.69
CA SER B 200 24.20 23.41 6.76
C SER B 200 24.62 21.97 7.10
N GLN B 201 23.64 21.07 7.09
CA GLN B 201 23.87 19.66 7.39
C GLN B 201 23.42 18.93 6.14
N SER B 202 24.23 17.97 5.68
CA SER B 202 23.90 17.22 4.46
C SER B 202 22.73 16.26 4.57
N ILE B 203 21.92 16.24 3.52
CA ILE B 203 20.76 15.37 3.44
C ILE B 203 21.04 14.43 2.27
N THR B 204 20.96 13.12 2.52
CA THR B 204 21.24 12.15 1.48
C THR B 204 20.10 11.15 1.28
N CYS B 205 19.78 10.91 0.02
CA CYS B 205 18.75 9.99 -0.40
C CYS B 205 19.41 8.62 -0.66
N ASN B 206 18.98 7.58 0.06
CA ASN B 206 19.54 6.24 -0.11
C ASN B 206 18.53 5.37 -0.86
N VAL B 207 18.97 4.77 -1.97
CA VAL B 207 18.07 3.94 -2.75
C VAL B 207 18.66 2.56 -3.03
N ALA B 208 17.85 1.53 -2.86
CA ALA B 208 18.29 0.17 -3.13
C ALA B 208 17.24 -0.53 -4.01
N HIS B 209 17.72 -1.28 -5.00
CA HIS B 209 16.83 -2.01 -5.89
C HIS B 209 17.39 -3.42 -5.95
N PRO B 210 16.93 -4.30 -5.03
CA PRO B 210 17.37 -5.70 -4.96
C PRO B 210 17.46 -6.45 -6.28
N ALA B 211 16.42 -6.34 -7.11
CA ALA B 211 16.36 -7.01 -8.41
C ALA B 211 17.57 -6.78 -9.31
N SER B 212 18.15 -5.59 -9.27
CA SER B 212 19.30 -5.32 -10.11
C SER B 212 20.55 -5.13 -9.28
N SER B 213 20.48 -5.46 -8.00
CA SER B 213 21.61 -5.30 -7.09
C SER B 213 22.12 -3.86 -7.11
N THR B 214 21.22 -2.91 -7.26
CA THR B 214 21.61 -1.52 -7.30
C THR B 214 21.49 -0.91 -5.92
N LYS B 215 22.43 -0.04 -5.57
CA LYS B 215 22.41 0.65 -4.28
C LYS B 215 23.12 1.96 -4.52
N VAL B 216 22.39 3.06 -4.41
CA VAL B 216 22.97 4.38 -4.64
C VAL B 216 22.56 5.39 -3.59
N ASP B 217 23.43 6.36 -3.37
CA ASP B 217 23.14 7.41 -2.40
C ASP B 217 23.33 8.73 -3.12
N LYS B 218 22.32 9.59 -3.06
CA LYS B 218 22.41 10.89 -3.70
C LYS B 218 22.30 11.97 -2.64
N LYS B 219 23.35 12.77 -2.55
CA LYS B 219 23.40 13.87 -1.59
C LYS B 219 22.70 15.03 -2.28
N ILE B 220 21.87 15.77 -1.55
CA ILE B 220 21.18 16.90 -2.13
C ILE B 220 22.07 18.12 -1.99
N GLU B 221 22.73 18.46 -3.09
CA GLU B 221 23.62 19.62 -3.13
C GLU B 221 22.77 20.81 -3.56
N PRO B 222 23.07 22.00 -3.03
CA PRO B 222 22.31 23.21 -3.39
C PRO B 222 22.50 23.55 -4.87
#